data_9CEX
#
_entry.id   9CEX
#
_cell.length_a   1.00
_cell.length_b   1.00
_cell.length_c   1.00
_cell.angle_alpha   90.00
_cell.angle_beta   90.00
_cell.angle_gamma   90.00
#
_symmetry.space_group_name_H-M   'P 1'
#
loop_
_entity.id
_entity.type
_entity.pdbx_description
1 polymer "DNA (5'-D(*(MG)*(MG)P*AP*AP*AP*AP*AP*AP*AP*AP*AP*AP*AP*AP*AP*AP*AP*A)-3')"
2 polymer "DNA (5'-D(P*TP*TP*TP*TP*TP*TP*TP*TP*TP*TP*TP*TP*TP*TP*T)-3')"
3 polymer "DNA (5'-D(P*CP*GP*GP*TP*AP*CP*CP*CP*GP*GP*GP*CP*AP*TP*A)-3')"
4 polymer 'Maltose/maltodextrin-binding periplasmic protein,Spizellomyces punctatus Fanzor 1'
5 polymer 'DNA (29-MER)'
6 polymer 'RNA (76-MER)'
7 non-polymer 'ZINC ION'
8 non-polymer 'MAGNESIUM ION'
#
loop_
_entity_poly.entity_id
_entity_poly.type
_entity_poly.pdbx_seq_one_letter_code
_entity_poly.pdbx_strand_id
1 'polydeoxyribonucleotide' (DA)(DA)(DA)(DA)(DA)(DA)(DA)(DA)(DA)(DA)(DA)(DA)(DA)(DA)(DA)(DA) A
2 'polydeoxyribonucleotide' (DT)(DT)(DT)(DT)(DT)(DT)(DT)(DT)(DT)(DT)(DT)(DT)(DT)(DT)(DT) B
3 'polydeoxyribonucleotide'
;(DA)(DT)(DT)(DC)(DG)(DA)(DG)(DC)(DT)(DC)(DG)(DG)(DT)(DA)(DC)(DC)(DC)(DG)(DG)(DG)
(DC)(DA)(DT)(DA)(DT)(DC)(DT)(DA)(DT)(DA)(DG)(DG)(DT)(DT)(DA)(DT)(DG)(DA)(DA)(DA)
(DT)(DC)(DA)(DA)(DA)(DT)(DT)(DA)(DC)(DA)(DA)(DA)(DT)(DA)
;
N
4 'polypeptide(L)'
;MKSSHHHHHHHHHHGSSMKIEEGKLVIWINGDKGYNGLAEVGKKFEKDTGIKVTVEHPDKLEEKFPQVAATGDGPDIIFW
AHDRFGGYAQSGLLAEITPDKAFQDKLYPFTWDAVRYNGKLIAYPIAVEALSLIYNKDLLPNPPKTWEEIPALDKELKAK
GKSALMFNLQEPYFTWPLIAADGGYAFKYENGKYDIKDVGVDNAGAKAGLTFLVDLIKNKHMNADTDYSIAEAAFNKGET
AMTINGPWAWSNIDTSKVNYGVTVLPTFKGQPSKPFVGVLSAGINAASPNKELAKEFLENYLLTDEGLEAVNKDKPLGAV
ALKSYEEELAKDPRIAATMENAQKGEIMPNIPQMSAFWYAVRTAVINAASGRQTVDEALKDAQTGSENLYFQSNAPPKKK
QKLERLKKLDKPTLHTCNKTSFAKAFLPNETYRQRLLDYIAIIHQLADHASHALKFYILSTSTSSFPVVHEDTIEAILYL
LNKGEAWHPRKEAKKAWRDCLLPYVQRYCQIVGFIHPNLRGEQQSINYLTVSMMTNLKVNVQEHFMQMLLRYINLRFDVK
GQKQRLPPKSDARKAFFTRLRYLKSVFLFDVVPELEFLDDLTPLESEVLEEIWSLDLPFLPNDPLAYAIVADPMSFFPAY
CKLSGLYEQYGFQRFSAIPLRRSLIQSHVRIDTIILYQHILCITRRDAETVEKDDLWMRVCNLCTKAFRSRCGMHFEGSI
TTDGASVSVYLKHPEADKYGKRGARKSANTVAAEVKALYVENNLPACRAAENVVVIDPNKRDILYCQDSNGTTFRYTANQ
RAVETGSRRFAKRREAMKEEAGVDLIESRIPSHKTMNLMDFTRYLLVRRADWDRRKEFYSHPAHTRWKWHSFINRQKSES
DLISNMRNKYGENFTVVMGDWSDAGRTARFQTSSKTKGWRTLFKRNRIDCFLLDEYKTSSVCPRCSSSEFVEKKFKTRPH
SRPWRRREGKIEKVHGLLGCTNPNCLQQAWTSGMRYWNRDMLSTCNMLLIVRSMLDGHGRPEVFSRSVPAVA
;
P
5 'polydeoxyribonucleotide'
;(DT)(DA)(DT)(DT)(DT)(DG)(DT)(DA)(DA)(DT)(DT)(DT)(DG)(DA)(DT)(DT)(DT)(DC)(DA)(DT)
(DA)(DA)(DC)(DC)(DT)(DA)(DT)(DA)(DG)(DA)(DT)(DA)(DT)(DG)(DC)(DC)(DC)(DG)(DG)(DG)
(DT)(DA)(DC)(DC)(DG)(DA)(DG)(DC)(DT)(DC)(DG)(DA)(DA)(DT)
;
T
6 'polyribonucleotide'
;GUUUUCCGAGCCGGUUGUCGCGCGGUUCAAUCCCUGGUGCGGGUGCUAGUGCCAAUACCCACCGGCUCCGCACUAUCUAU
AGGUUAUGAAAUCAAA
;
W
#
# COMPACT_ATOMS: atom_id res chain seq x y z
N PRO D 412 16.48 -14.84 7.64
CA PRO D 412 16.57 -13.90 8.76
C PRO D 412 16.35 -12.45 8.34
N THR D 413 16.30 -11.54 9.32
CA THR D 413 16.15 -10.12 9.08
C THR D 413 17.52 -9.46 9.19
N LEU D 414 17.91 -8.73 8.16
CA LEU D 414 19.26 -8.19 8.06
C LEU D 414 19.31 -6.67 7.97
N HIS D 415 18.17 -5.97 8.10
CA HIS D 415 18.15 -4.53 7.97
C HIS D 415 17.13 -3.93 8.92
N THR D 416 17.33 -2.66 9.24
CA THR D 416 16.37 -1.86 10.00
C THR D 416 16.67 -0.40 9.72
N CYS D 417 15.68 0.45 10.00
CA CYS D 417 15.78 1.88 9.70
C CYS D 417 15.38 2.70 10.90
N ASN D 418 16.05 3.84 11.07
CA ASN D 418 15.71 4.83 12.08
C ASN D 418 15.57 6.17 11.38
N LYS D 419 14.38 6.78 11.48
CA LYS D 419 14.09 8.02 10.78
C LYS D 419 14.24 9.20 11.73
N THR D 420 14.86 10.27 11.24
CA THR D 420 15.08 11.47 12.04
C THR D 420 14.88 12.69 11.14
N SER D 421 15.03 13.86 11.74
CA SER D 421 14.83 15.11 11.02
C SER D 421 16.11 15.57 10.34
N PHE D 422 15.94 16.32 9.25
CA PHE D 422 17.10 16.84 8.52
C PHE D 422 17.90 17.80 9.38
N ALA D 423 17.25 18.55 10.27
CA ALA D 423 17.96 19.54 11.08
C ALA D 423 18.96 18.87 12.01
N LYS D 424 18.54 17.80 12.69
CA LYS D 424 19.40 17.13 13.66
C LYS D 424 20.37 16.15 13.01
N ALA D 425 19.98 15.52 11.91
CA ALA D 425 20.83 14.49 11.31
C ALA D 425 22.16 15.07 10.82
N PHE D 426 22.12 16.22 10.15
CA PHE D 426 23.31 16.82 9.58
C PHE D 426 23.83 17.95 10.47
N LEU D 427 25.14 18.16 10.41
CA LEU D 427 25.75 19.23 11.18
C LEU D 427 25.32 20.58 10.63
N PRO D 428 25.33 21.63 11.46
CA PRO D 428 24.91 22.96 10.98
C PRO D 428 25.91 23.57 10.02
N ASN D 429 26.00 23.04 8.81
CA ASN D 429 26.89 23.53 7.77
C ASN D 429 26.05 23.79 6.52
N GLU D 430 25.80 25.05 6.21
CA GLU D 430 24.96 25.39 5.07
C GLU D 430 25.57 24.93 3.76
N THR D 431 26.90 24.96 3.64
CA THR D 431 27.54 24.53 2.41
C THR D 431 27.22 23.08 2.10
N TYR D 432 27.30 22.20 3.11
CA TYR D 432 26.96 20.80 2.90
C TYR D 432 25.45 20.60 2.80
N ARG D 433 24.69 21.30 3.65
CA ARG D 433 23.24 21.14 3.62
C ARG D 433 22.66 21.59 2.29
N GLN D 434 23.13 22.72 1.75
CA GLN D 434 22.62 23.19 0.48
C GLN D 434 22.95 22.21 -0.65
N ARG D 435 24.14 21.63 -0.62
CA ARG D 435 24.50 20.65 -1.63
C ARG D 435 23.58 19.44 -1.57
N LEU D 436 23.22 19.01 -0.36
CA LEU D 436 22.28 17.90 -0.21
C LEU D 436 20.94 18.21 -0.86
N LEU D 437 20.41 19.40 -0.58
CA LEU D 437 19.12 19.78 -1.16
C LEU D 437 19.21 19.88 -2.68
N ASP D 438 20.29 20.50 -3.18
CA ASP D 438 20.44 20.65 -4.63
C ASP D 438 20.58 19.30 -5.32
N TYR D 439 21.36 18.38 -4.75
CA TYR D 439 21.57 17.09 -5.40
C TYR D 439 20.27 16.30 -5.48
N ILE D 440 19.52 16.22 -4.38
CA ILE D 440 18.28 15.45 -4.40
C ILE D 440 17.27 16.07 -5.35
N ALA D 441 17.25 17.41 -5.44
CA ALA D 441 16.33 18.06 -6.37
C ALA D 441 16.62 17.66 -7.81
N ILE D 442 17.90 17.63 -8.19
CA ILE D 442 18.27 17.21 -9.53
C ILE D 442 17.90 15.75 -9.75
N ILE D 443 18.21 14.90 -8.76
CA ILE D 443 17.88 13.48 -8.89
C ILE D 443 16.38 13.28 -8.92
N HIS D 444 15.62 14.09 -8.17
CA HIS D 444 14.17 13.96 -8.17
C HIS D 444 13.61 14.18 -9.57
N GLN D 445 14.10 15.19 -10.28
CA GLN D 445 13.61 15.44 -11.63
C GLN D 445 13.94 14.29 -12.57
N LEU D 446 15.15 13.74 -12.46
CA LEU D 446 15.53 12.62 -13.32
C LEU D 446 14.63 11.42 -13.08
N ALA D 447 14.34 11.10 -11.82
CA ALA D 447 13.46 9.98 -11.52
C ALA D 447 12.06 10.23 -12.07
N ASP D 448 11.55 11.44 -11.92
CA ASP D 448 10.21 11.79 -12.38
C ASP D 448 10.12 11.67 -13.91
N HIS D 449 11.05 12.30 -14.61
CA HIS D 449 11.01 12.27 -16.07
C HIS D 449 11.35 10.89 -16.61
N ALA D 450 12.17 10.11 -15.90
CA ALA D 450 12.52 8.78 -16.36
C ALA D 450 11.29 7.89 -16.46
N SER D 451 10.41 7.95 -15.44
CA SER D 451 9.21 7.14 -15.48
C SER D 451 8.31 7.53 -16.65
N HIS D 452 8.14 8.83 -16.89
CA HIS D 452 7.36 9.28 -18.03
C HIS D 452 8.01 8.87 -19.34
N ALA D 453 9.34 9.00 -19.43
CA ALA D 453 10.05 8.61 -20.65
C ALA D 453 9.88 7.13 -20.93
N LEU D 454 9.97 6.29 -19.91
CA LEU D 454 9.76 4.85 -20.10
C LEU D 454 8.36 4.58 -20.63
N LYS D 455 7.35 5.22 -20.04
CA LYS D 455 5.99 5.05 -20.53
C LYS D 455 5.85 5.64 -21.94
N PHE D 456 6.46 6.80 -22.17
CA PHE D 456 6.37 7.43 -23.49
C PHE D 456 6.97 6.53 -24.57
N TYR D 457 8.12 5.93 -24.29
CA TYR D 457 8.76 5.06 -25.26
C TYR D 457 7.91 3.84 -25.55
N ILE D 458 7.32 3.24 -24.51
CA ILE D 458 6.52 2.04 -24.69
C ILE D 458 5.30 2.35 -25.56
N LEU D 459 4.61 3.47 -25.28
CA LEU D 459 3.45 3.84 -26.08
C LEU D 459 3.86 4.16 -27.51
N SER D 460 5.00 4.83 -27.69
CA SER D 460 5.45 5.17 -29.03
C SER D 460 5.72 3.93 -29.86
N THR D 461 6.33 2.91 -29.26
CA THR D 461 6.66 1.68 -29.98
C THR D 461 5.47 0.74 -30.13
N SER D 462 4.32 1.06 -29.54
CA SER D 462 3.15 0.20 -29.67
C SER D 462 2.71 0.06 -31.12
N THR D 463 3.06 1.01 -31.98
CA THR D 463 2.68 0.94 -33.38
C THR D 463 3.34 -0.19 -34.14
N SER D 464 4.51 -0.66 -33.67
CA SER D 464 5.22 -1.71 -34.38
C SER D 464 5.24 -3.01 -33.57
N SER D 465 5.73 -2.94 -32.34
CA SER D 465 5.82 -4.13 -31.50
C SER D 465 6.18 -3.71 -30.08
N PHE D 466 5.76 -4.51 -29.11
CA PHE D 466 6.03 -4.20 -27.71
C PHE D 466 7.46 -4.60 -27.36
N PRO D 467 8.26 -3.69 -26.80
CA PRO D 467 9.66 -4.03 -26.48
C PRO D 467 9.75 -4.96 -25.27
N VAL D 468 10.87 -5.69 -25.21
CA VAL D 468 11.17 -6.54 -24.06
C VAL D 468 11.90 -5.70 -23.02
N VAL D 469 11.15 -5.07 -22.13
CA VAL D 469 11.75 -4.14 -21.17
C VAL D 469 12.69 -4.89 -20.23
N HIS D 470 13.83 -4.28 -19.95
CA HIS D 470 14.82 -4.83 -19.04
C HIS D 470 15.46 -3.69 -18.25
N GLU D 471 16.24 -4.05 -17.23
CA GLU D 471 16.90 -3.03 -16.42
C GLU D 471 17.70 -2.06 -17.27
N ASP D 472 18.31 -2.56 -18.36
CA ASP D 472 19.09 -1.70 -19.23
C ASP D 472 18.21 -0.63 -19.88
N THR D 473 16.93 -0.96 -20.13
CA THR D 473 16.04 0.01 -20.76
C THR D 473 15.85 1.24 -19.88
N ILE D 474 15.64 1.04 -18.58
CA ILE D 474 15.46 2.17 -17.67
C ILE D 474 16.79 2.91 -17.48
N GLU D 475 17.90 2.17 -17.36
CA GLU D 475 19.19 2.81 -17.15
C GLU D 475 19.56 3.71 -18.32
N ALA D 476 19.33 3.22 -19.55
CA ALA D 476 19.64 4.03 -20.73
C ALA D 476 18.82 5.30 -20.76
N ILE D 477 17.54 5.21 -20.42
CA ILE D 477 16.68 6.39 -20.40
C ILE D 477 17.21 7.43 -19.42
N LEU D 478 17.60 6.97 -18.23
CA LEU D 478 18.11 7.89 -17.22
C LEU D 478 19.35 8.62 -17.71
N TYR D 479 20.29 7.89 -18.31
CA TYR D 479 21.51 8.52 -18.81
C TYR D 479 21.20 9.46 -19.97
N LEU D 480 20.35 9.04 -20.90
CA LEU D 480 20.02 9.88 -22.05
C LEU D 480 19.34 11.18 -21.63
N LEU D 481 18.45 11.11 -20.64
CA LEU D 481 17.81 12.32 -20.15
C LEU D 481 18.84 13.29 -19.57
N ASN D 482 19.83 12.77 -18.87
CA ASN D 482 20.82 13.63 -18.22
C ASN D 482 21.92 14.04 -19.18
N LYS D 483 22.54 13.08 -19.86
CA LYS D 483 23.70 13.35 -20.70
C LYS D 483 23.38 13.41 -22.19
N GLY D 484 22.16 13.07 -22.60
CA GLY D 484 21.87 13.04 -24.02
C GLY D 484 22.76 12.06 -24.76
N GLU D 485 23.27 12.49 -25.90
CA GLU D 485 24.16 11.65 -26.69
C GLU D 485 25.54 11.47 -26.07
N ALA D 486 25.86 12.27 -25.04
CA ALA D 486 27.18 12.17 -24.41
C ALA D 486 27.41 10.84 -23.72
N TRP D 487 26.35 10.07 -23.46
CA TRP D 487 26.51 8.76 -22.82
C TRP D 487 27.22 7.82 -23.78
N HIS D 488 28.33 7.25 -23.31
CA HIS D 488 29.19 6.38 -24.12
C HIS D 488 29.46 5.08 -23.38
N PRO D 489 28.46 4.21 -23.27
CA PRO D 489 28.67 2.92 -22.61
C PRO D 489 29.56 2.01 -23.44
N ARG D 490 30.19 1.05 -22.76
CA ARG D 490 31.07 0.08 -23.40
C ARG D 490 30.49 -1.32 -23.49
N LYS D 491 29.42 -1.62 -22.76
CA LYS D 491 28.74 -2.90 -22.91
C LYS D 491 27.86 -2.87 -24.15
N GLU D 492 28.05 -3.85 -25.03
CA GLU D 492 27.29 -3.86 -26.28
C GLU D 492 25.79 -3.97 -26.02
N ALA D 493 25.40 -4.70 -24.98
CA ALA D 493 23.98 -4.83 -24.66
C ALA D 493 23.36 -3.48 -24.34
N LYS D 494 24.04 -2.68 -23.52
CA LYS D 494 23.52 -1.34 -23.21
C LYS D 494 23.62 -0.41 -24.42
N LYS D 495 24.69 -0.52 -25.20
CA LYS D 495 24.87 0.38 -26.33
C LYS D 495 23.76 0.20 -27.38
N ALA D 496 23.22 -1.01 -27.49
CA ALA D 496 22.10 -1.23 -28.39
C ALA D 496 20.89 -0.41 -27.95
N TRP D 497 20.62 -0.38 -26.65
CA TRP D 497 19.51 0.42 -26.14
C TRP D 497 19.75 1.91 -26.36
N ARG D 498 21.01 2.34 -26.25
CA ARG D 498 21.34 3.75 -26.40
C ARG D 498 20.84 4.29 -27.74
N ASP D 499 21.20 3.61 -28.83
CA ASP D 499 20.78 4.07 -30.15
C ASP D 499 19.28 3.91 -30.35
N CYS D 500 18.71 2.80 -29.89
CA CYS D 500 17.27 2.58 -30.07
C CYS D 500 16.45 3.61 -29.29
N LEU D 501 16.87 3.91 -28.06
CA LEU D 501 16.11 4.81 -27.20
C LEU D 501 16.44 6.28 -27.44
N LEU D 502 17.54 6.59 -28.13
CA LEU D 502 17.94 7.98 -28.32
C LEU D 502 16.89 8.81 -29.05
N PRO D 503 16.31 8.36 -30.16
CA PRO D 503 15.31 9.20 -30.85
C PRO D 503 14.12 9.55 -29.97
N TYR D 504 13.67 8.62 -29.12
CA TYR D 504 12.47 8.85 -28.33
C TYR D 504 12.74 9.81 -27.18
N VAL D 505 13.90 9.69 -26.52
CA VAL D 505 14.20 10.57 -25.40
C VAL D 505 14.25 12.02 -25.85
N GLN D 506 14.93 12.29 -26.97
CA GLN D 506 14.92 13.64 -27.53
C GLN D 506 13.52 14.05 -27.92
N ARG D 507 12.76 13.12 -28.52
CA ARG D 507 11.37 13.40 -28.85
C ARG D 507 10.55 13.73 -27.61
N TYR D 508 10.76 12.97 -26.54
CA TYR D 508 10.04 13.23 -25.29
C TYR D 508 10.45 14.56 -24.68
N CYS D 509 11.75 14.87 -24.69
CA CYS D 509 12.22 16.09 -24.04
C CYS D 509 11.65 17.32 -24.71
N GLN D 510 11.60 17.35 -26.04
CA GLN D 510 11.07 18.51 -26.75
C GLN D 510 9.61 18.77 -26.43
N ILE D 511 8.89 17.76 -25.96
CA ILE D 511 7.47 17.95 -25.62
C ILE D 511 7.33 18.53 -24.23
N VAL D 512 8.03 17.93 -23.24
CA VAL D 512 7.95 18.42 -21.87
C VAL D 512 8.88 19.58 -21.59
N GLY D 513 9.77 19.92 -22.52
CA GLY D 513 10.67 21.03 -22.32
C GLY D 513 11.78 20.76 -21.34
N PHE D 514 12.10 19.50 -21.07
CA PHE D 514 13.15 19.18 -20.11
C PHE D 514 14.51 19.50 -20.69
N ILE D 515 15.40 20.05 -19.86
CA ILE D 515 16.73 20.45 -20.26
C ILE D 515 17.73 19.53 -19.58
N HIS D 516 18.64 18.96 -20.37
CA HIS D 516 19.63 18.01 -19.88
C HIS D 516 20.45 18.63 -18.75
N PRO D 517 20.27 18.18 -17.50
CA PRO D 517 21.08 18.73 -16.41
C PRO D 517 22.56 18.45 -16.54
N ASN D 518 22.95 17.40 -17.26
CA ASN D 518 24.36 17.05 -17.43
C ASN D 518 25.06 16.89 -16.08
N LEU D 519 24.37 16.23 -15.15
CA LEU D 519 24.94 15.98 -13.83
C LEU D 519 26.11 15.01 -13.93
N ARG D 520 27.14 15.24 -13.13
CA ARG D 520 28.27 14.34 -13.05
C ARG D 520 28.15 13.42 -11.83
N GLY D 521 28.99 12.40 -11.78
CA GLY D 521 28.95 11.45 -10.69
C GLY D 521 27.59 10.80 -10.55
N GLU D 522 27.07 10.28 -11.66
CA GLU D 522 25.67 9.86 -11.74
C GLU D 522 25.48 8.40 -11.34
N GLN D 523 26.45 7.53 -11.60
CA GLN D 523 26.20 6.09 -11.59
C GLN D 523 25.56 5.63 -10.28
N GLN D 524 25.95 6.22 -9.15
CA GLN D 524 25.37 5.80 -7.88
C GLN D 524 23.87 6.05 -7.86
N SER D 525 23.45 7.27 -8.19
CA SER D 525 22.03 7.58 -8.21
C SER D 525 21.29 6.83 -9.32
N ILE D 526 21.92 6.70 -10.49
CA ILE D 526 21.25 6.03 -11.60
C ILE D 526 20.98 4.57 -11.26
N ASN D 527 21.94 3.90 -10.65
CA ASN D 527 21.76 2.49 -10.29
C ASN D 527 20.60 2.32 -9.32
N TYR D 528 20.54 3.17 -8.29
CA TYR D 528 19.45 3.08 -7.32
C TYR D 528 18.10 3.30 -8.00
N LEU D 529 18.01 4.32 -8.86
CA LEU D 529 16.76 4.57 -9.56
C LEU D 529 16.46 3.46 -10.56
N THR D 530 17.49 2.96 -11.25
CA THR D 530 17.27 1.89 -12.22
C THR D 530 16.65 0.66 -11.56
N VAL D 531 17.25 0.21 -10.45
CA VAL D 531 16.72 -0.96 -9.75
C VAL D 531 15.37 -0.63 -9.13
N SER D 532 15.24 0.53 -8.51
CA SER D 532 13.99 0.90 -7.86
C SER D 532 12.84 0.97 -8.87
N MET D 533 13.08 1.60 -10.01
CA MET D 533 12.03 1.69 -11.03
C MET D 533 11.70 0.31 -11.58
N MET D 534 12.71 -0.53 -11.81
CA MET D 534 12.44 -1.89 -12.27
C MET D 534 11.69 -2.70 -11.22
N THR D 535 11.94 -2.43 -9.93
CA THR D 535 11.23 -3.13 -8.88
C THR D 535 9.73 -2.89 -8.99
N ASN D 536 9.33 -1.65 -9.25
CA ASN D 536 7.92 -1.34 -9.38
C ASN D 536 7.24 -2.13 -10.50
N LEU D 537 7.96 -2.37 -11.59
CA LEU D 537 7.39 -3.17 -12.68
C LEU D 537 7.09 -4.59 -12.23
N LYS D 538 8.00 -5.19 -11.46
CA LYS D 538 7.78 -6.53 -10.94
C LYS D 538 6.55 -6.58 -10.05
N VAL D 539 6.48 -5.68 -9.07
CA VAL D 539 5.39 -5.72 -8.10
C VAL D 539 4.06 -5.45 -8.78
N ASN D 540 4.01 -4.46 -9.67
CA ASN D 540 2.75 -4.06 -10.29
C ASN D 540 2.15 -5.22 -11.09
N VAL D 541 2.98 -5.92 -11.86
CA VAL D 541 2.48 -7.00 -12.71
C VAL D 541 2.40 -8.32 -11.97
N GLN D 542 3.06 -8.44 -10.81
CA GLN D 542 3.09 -9.72 -10.11
C GLN D 542 1.70 -10.16 -9.67
N GLU D 543 0.89 -9.25 -9.13
CA GLU D 543 -0.41 -9.60 -8.60
C GLU D 543 -1.57 -8.85 -9.24
N HIS D 544 -1.39 -7.55 -9.51
CA HIS D 544 -2.50 -6.76 -10.05
C HIS D 544 -2.90 -7.21 -11.45
N PHE D 545 -2.01 -7.87 -12.19
CA PHE D 545 -2.38 -8.39 -13.51
C PHE D 545 -3.50 -9.40 -13.39
N MET D 546 -3.40 -10.32 -12.43
CA MET D 546 -4.47 -11.29 -12.22
C MET D 546 -5.74 -10.61 -11.76
N GLN D 547 -5.63 -9.62 -10.86
CA GLN D 547 -6.81 -8.93 -10.36
C GLN D 547 -7.55 -8.21 -11.47
N MET D 548 -6.82 -7.45 -12.29
CA MET D 548 -7.47 -6.71 -13.36
C MET D 548 -8.02 -7.64 -14.45
N LEU D 549 -7.29 -8.72 -14.75
CA LEU D 549 -7.77 -9.65 -15.77
C LEU D 549 -9.10 -10.29 -15.34
N LEU D 550 -9.19 -10.71 -14.08
CA LEU D 550 -10.45 -11.24 -13.58
C LEU D 550 -11.53 -10.16 -13.51
N ARG D 551 -11.15 -8.94 -13.16
CA ARG D 551 -12.11 -7.84 -13.16
C ARG D 551 -12.66 -7.59 -14.56
N TYR D 552 -11.80 -7.67 -15.58
CA TYR D 552 -12.25 -7.45 -16.95
C TYR D 552 -13.29 -8.49 -17.35
N ILE D 553 -13.09 -9.75 -16.96
CA ILE D 553 -14.09 -10.78 -17.26
C ILE D 553 -15.42 -10.43 -16.63
N ASN D 554 -15.40 -10.00 -15.37
CA ASN D 554 -16.64 -9.64 -14.69
C ASN D 554 -17.32 -8.45 -15.35
N LEU D 555 -16.54 -7.45 -15.79
CA LEU D 555 -17.11 -6.24 -16.37
C LEU D 555 -17.70 -6.47 -17.75
N ARG D 556 -17.02 -7.24 -18.61
CA ARG D 556 -17.56 -7.50 -19.94
C ARG D 556 -18.88 -8.26 -19.85
N PHE D 557 -18.95 -9.27 -18.99
CA PHE D 557 -20.20 -9.97 -18.76
C PHE D 557 -21.20 -9.17 -17.92
N ASP D 558 -20.77 -8.04 -17.36
CA ASP D 558 -21.64 -7.20 -16.54
C ASP D 558 -22.22 -8.01 -15.38
N VAL D 559 -21.35 -8.78 -14.70
CA VAL D 559 -21.81 -9.65 -13.62
C VAL D 559 -22.54 -8.85 -12.55
N LYS D 560 -22.03 -7.66 -12.22
CA LYS D 560 -22.70 -6.84 -11.23
C LYS D 560 -24.13 -6.50 -11.66
N GLY D 561 -24.37 -6.39 -12.96
CA GLY D 561 -25.69 -6.16 -13.47
C GLY D 561 -26.47 -7.45 -13.67
N GLN D 562 -25.75 -8.56 -13.82
CA GLN D 562 -26.41 -9.85 -14.01
C GLN D 562 -27.22 -10.23 -12.77
N LYS D 563 -26.67 -9.97 -11.58
CA LYS D 563 -27.40 -10.29 -10.36
C LYS D 563 -28.75 -9.60 -10.27
N GLN D 564 -28.89 -8.43 -10.90
CA GLN D 564 -30.17 -7.74 -10.93
C GLN D 564 -31.10 -8.26 -12.01
N ARG D 565 -30.55 -8.58 -13.20
CA ARG D 565 -31.38 -9.10 -14.28
C ARG D 565 -31.78 -10.55 -14.06
N LEU D 566 -31.20 -11.23 -13.08
CA LEU D 566 -31.46 -12.63 -12.83
C LEU D 566 -31.85 -12.84 -11.37
N PRO D 567 -32.68 -13.84 -11.08
CA PRO D 567 -33.13 -14.03 -9.70
C PRO D 567 -31.96 -14.34 -8.79
N PRO D 568 -31.94 -13.80 -7.57
CA PRO D 568 -30.86 -14.12 -6.64
C PRO D 568 -31.24 -15.28 -5.71
N LYS D 569 -30.21 -15.81 -5.04
CA LYS D 569 -30.39 -16.77 -3.95
C LYS D 569 -31.26 -17.95 -4.38
N SER D 570 -30.97 -18.53 -5.54
CA SER D 570 -31.69 -19.69 -6.02
C SER D 570 -30.76 -20.55 -6.86
N ASP D 571 -31.06 -21.86 -6.90
CA ASP D 571 -30.28 -22.79 -7.70
C ASP D 571 -30.53 -22.59 -9.19
N ALA D 572 -31.60 -21.88 -9.57
CA ALA D 572 -31.87 -21.66 -10.98
C ALA D 572 -30.77 -20.87 -11.67
N ARG D 573 -29.99 -20.09 -10.92
CA ARG D 573 -28.93 -19.28 -11.49
C ARG D 573 -27.56 -19.61 -10.93
N LYS D 574 -27.43 -20.67 -10.13
CA LYS D 574 -26.11 -21.12 -9.72
C LYS D 574 -25.28 -21.57 -10.92
N ALA D 575 -25.94 -21.93 -12.01
CA ALA D 575 -25.22 -22.33 -13.22
C ALA D 575 -24.39 -21.18 -13.77
N PHE D 576 -24.91 -19.95 -13.67
CA PHE D 576 -24.18 -18.80 -14.20
C PHE D 576 -22.82 -18.66 -13.53
N PHE D 577 -22.77 -18.69 -12.19
CA PHE D 577 -21.50 -18.64 -11.50
C PHE D 577 -20.66 -19.89 -11.73
N THR D 578 -21.30 -21.07 -11.80
CA THR D 578 -20.58 -22.27 -12.20
C THR D 578 -20.07 -22.14 -13.62
N ARG D 579 -20.88 -21.56 -14.52
CA ARG D 579 -20.43 -21.27 -15.87
C ARG D 579 -19.27 -20.29 -15.86
N LEU D 580 -19.36 -19.24 -15.03
CA LEU D 580 -18.30 -18.24 -14.99
C LEU D 580 -16.98 -18.84 -14.52
N ARG D 581 -17.02 -19.71 -13.50
CA ARG D 581 -15.80 -20.37 -13.06
C ARG D 581 -15.20 -21.22 -14.18
N TYR D 582 -16.03 -21.97 -14.89
CA TYR D 582 -15.53 -22.80 -15.98
C TYR D 582 -14.90 -21.94 -17.07
N LEU D 583 -15.56 -20.83 -17.42
CA LEU D 583 -15.01 -19.94 -18.44
C LEU D 583 -13.70 -19.32 -17.97
N LYS D 584 -13.63 -18.90 -16.72
CA LYS D 584 -12.41 -18.27 -16.21
C LYS D 584 -11.23 -19.22 -16.27
N SER D 585 -11.45 -20.50 -15.96
CA SER D 585 -10.37 -21.48 -16.04
C SER D 585 -9.83 -21.58 -17.46
N VAL D 586 -10.71 -21.59 -18.46
CA VAL D 586 -10.27 -21.63 -19.85
C VAL D 586 -9.51 -20.36 -20.21
N PHE D 587 -10.03 -19.20 -19.78
CA PHE D 587 -9.36 -17.94 -20.08
C PHE D 587 -7.98 -17.88 -19.45
N LEU D 588 -7.84 -18.36 -18.22
CA LEU D 588 -6.54 -18.42 -17.55
C LEU D 588 -5.75 -19.65 -17.93
N PHE D 589 -6.29 -20.52 -18.78
CA PHE D 589 -5.63 -21.75 -19.21
C PHE D 589 -5.36 -22.67 -18.03
N ASP D 590 -6.18 -22.56 -16.98
CA ASP D 590 -6.06 -23.48 -15.86
C ASP D 590 -6.43 -24.91 -16.27
N VAL D 591 -7.44 -25.06 -17.10
CA VAL D 591 -7.86 -26.37 -17.61
C VAL D 591 -7.96 -26.27 -19.13
N VAL D 592 -7.41 -27.28 -19.81
CA VAL D 592 -7.42 -27.26 -21.27
C VAL D 592 -8.85 -27.42 -21.78
N PRO D 593 -9.36 -26.50 -22.58
CA PRO D 593 -10.74 -26.66 -23.08
C PRO D 593 -10.85 -27.80 -24.06
N GLU D 594 -12.03 -28.40 -24.11
CA GLU D 594 -12.33 -29.44 -25.08
C GLU D 594 -12.76 -28.83 -26.41
N LEU D 595 -12.53 -29.57 -27.49
CA LEU D 595 -12.82 -29.06 -28.82
C LEU D 595 -14.31 -28.75 -29.00
N GLU D 596 -15.20 -29.47 -28.32
CA GLU D 596 -16.63 -29.26 -28.46
C GLU D 596 -17.14 -28.08 -27.63
N PHE D 597 -16.32 -27.53 -26.74
CA PHE D 597 -16.79 -26.46 -25.88
C PHE D 597 -16.88 -25.12 -26.61
N LEU D 598 -16.19 -24.98 -27.75
CA LEU D 598 -16.18 -23.70 -28.44
C LEU D 598 -17.54 -23.35 -29.02
N ASP D 599 -18.28 -24.34 -29.54
CA ASP D 599 -19.55 -24.07 -30.19
C ASP D 599 -20.64 -23.62 -29.22
N ASP D 600 -20.44 -23.78 -27.91
CA ASP D 600 -21.42 -23.38 -26.92
C ASP D 600 -21.18 -21.97 -26.38
N LEU D 601 -20.53 -21.12 -27.15
CA LEU D 601 -20.19 -19.76 -26.71
C LEU D 601 -21.10 -18.76 -27.43
N THR D 602 -21.75 -17.90 -26.66
CA THR D 602 -22.55 -16.83 -27.23
C THR D 602 -21.63 -15.74 -27.79
N PRO D 603 -22.16 -14.86 -28.64
CA PRO D 603 -21.32 -13.82 -29.24
C PRO D 603 -20.54 -13.00 -28.21
N LEU D 604 -21.18 -12.67 -27.07
CA LEU D 604 -20.46 -11.96 -26.03
C LEU D 604 -19.34 -12.83 -25.45
N GLU D 605 -19.62 -14.10 -25.20
CA GLU D 605 -18.59 -15.01 -24.70
C GLU D 605 -17.49 -15.22 -25.74
N SER D 606 -17.87 -15.38 -27.00
CA SER D 606 -16.87 -15.56 -28.06
C SER D 606 -16.00 -14.33 -28.20
N GLU D 607 -16.60 -13.14 -28.12
CA GLU D 607 -15.83 -11.90 -28.24
C GLU D 607 -14.80 -11.79 -27.14
N VAL D 608 -15.18 -12.13 -25.90
CA VAL D 608 -14.24 -12.05 -24.79
C VAL D 608 -13.07 -13.01 -25.00
N LEU D 609 -13.35 -14.20 -25.51
CA LEU D 609 -12.29 -15.18 -25.74
C LEU D 609 -11.25 -14.63 -26.72
N GLU D 610 -11.71 -14.02 -27.81
CA GLU D 610 -10.76 -13.43 -28.77
C GLU D 610 -9.96 -12.30 -28.14
N GLU D 611 -10.63 -11.45 -27.34
CA GLU D 611 -9.93 -10.33 -26.73
C GLU D 611 -8.83 -10.82 -25.79
N ILE D 612 -9.11 -11.86 -25.00
CA ILE D 612 -8.09 -12.38 -24.09
C ILE D 612 -6.97 -13.03 -24.88
N TRP D 613 -7.30 -13.72 -25.99
CA TRP D 613 -6.26 -14.34 -26.81
C TRP D 613 -5.29 -13.29 -27.38
N SER D 614 -5.77 -12.07 -27.62
CA SER D 614 -4.90 -11.05 -28.18
C SER D 614 -3.81 -10.62 -27.22
N LEU D 615 -3.90 -10.99 -25.94
CA LEU D 615 -2.92 -10.59 -24.94
C LEU D 615 -1.60 -11.36 -25.08
N ASP D 616 -1.58 -12.47 -25.81
CA ASP D 616 -0.37 -13.29 -25.93
C ASP D 616 0.15 -13.69 -24.56
N LEU D 617 -0.74 -14.17 -23.71
CA LEU D 617 -0.38 -14.48 -22.33
C LEU D 617 0.65 -15.61 -22.30
N PRO D 618 1.71 -15.49 -21.50
CA PRO D 618 2.58 -16.64 -21.24
C PRO D 618 1.80 -17.78 -20.62
N PHE D 619 2.44 -18.95 -20.56
CA PHE D 619 1.78 -20.14 -20.07
C PHE D 619 2.82 -21.13 -19.58
N LEU D 620 2.43 -21.93 -18.58
CA LEU D 620 3.23 -23.02 -18.07
C LEU D 620 2.41 -24.30 -18.05
N PRO D 621 2.91 -25.38 -18.66
CA PRO D 621 2.10 -26.61 -18.72
C PRO D 621 2.01 -27.36 -17.40
N ASN D 622 2.83 -27.04 -16.42
CA ASN D 622 2.90 -27.82 -15.18
C ASN D 622 1.98 -27.29 -14.09
N ASP D 623 1.89 -25.98 -13.93
CA ASP D 623 1.16 -25.37 -12.83
C ASP D 623 0.23 -24.30 -13.35
N PRO D 624 -0.79 -23.91 -12.58
CA PRO D 624 -1.72 -22.88 -13.04
C PRO D 624 -1.02 -21.58 -13.38
N LEU D 625 -1.79 -20.67 -13.98
CA LEU D 625 -1.24 -19.39 -14.41
C LEU D 625 -0.75 -18.55 -13.23
N ALA D 626 -1.46 -18.64 -12.09
CA ALA D 626 -1.07 -17.84 -10.93
C ALA D 626 0.37 -18.11 -10.52
N TYR D 627 0.80 -19.38 -10.56
CA TYR D 627 2.19 -19.70 -10.28
C TYR D 627 3.13 -19.20 -11.36
N ALA D 628 2.68 -19.17 -12.61
CA ALA D 628 3.52 -18.69 -13.69
C ALA D 628 3.88 -17.21 -13.51
N ILE D 629 2.92 -16.41 -13.05
CA ILE D 629 3.17 -14.99 -12.88
C ILE D 629 4.29 -14.77 -11.87
N VAL D 630 4.29 -15.53 -10.78
CA VAL D 630 5.35 -15.39 -9.78
C VAL D 630 6.70 -15.79 -10.37
N ALA D 631 6.72 -16.81 -11.21
CA ALA D 631 7.98 -17.29 -11.77
C ALA D 631 8.65 -16.22 -12.63
N ASP D 632 7.87 -15.51 -13.46
CA ASP D 632 8.42 -14.49 -14.36
C ASP D 632 7.37 -13.43 -14.58
N PRO D 633 7.19 -12.52 -13.62
CA PRO D 633 6.17 -11.48 -13.78
C PRO D 633 6.39 -10.59 -15.00
N MET D 634 7.65 -10.33 -15.38
CA MET D 634 7.92 -9.44 -16.50
C MET D 634 7.41 -10.01 -17.82
N SER D 635 7.27 -11.33 -17.93
CA SER D 635 6.76 -11.92 -19.16
C SER D 635 5.33 -11.46 -19.44
N PHE D 636 4.58 -11.13 -18.39
CA PHE D 636 3.21 -10.66 -18.54
C PHE D 636 3.12 -9.16 -18.76
N PHE D 637 4.24 -8.44 -18.74
CA PHE D 637 4.18 -6.99 -18.94
C PHE D 637 3.53 -6.60 -20.25
N PRO D 638 3.89 -7.18 -21.41
CA PRO D 638 3.15 -6.84 -22.63
C PRO D 638 1.66 -7.12 -22.53
N ALA D 639 1.28 -8.22 -21.88
CA ALA D 639 -0.13 -8.52 -21.68
C ALA D 639 -0.78 -7.47 -20.78
N TYR D 640 -0.08 -7.05 -19.73
CA TYR D 640 -0.64 -6.07 -18.81
C TYR D 640 -0.90 -4.74 -19.51
N CYS D 641 0.02 -4.29 -20.36
CA CYS D 641 -0.21 -3.07 -21.12
C CYS D 641 -1.37 -3.23 -22.09
N LYS D 642 -1.47 -4.38 -22.76
CA LYS D 642 -2.58 -4.61 -23.66
C LYS D 642 -3.91 -4.64 -22.90
N LEU D 643 -3.92 -5.22 -21.71
CA LEU D 643 -5.14 -5.27 -20.93
C LEU D 643 -5.66 -3.86 -20.62
N SER D 644 -4.76 -2.94 -20.30
CA SER D 644 -5.18 -1.57 -20.04
C SER D 644 -5.83 -0.94 -21.26
N GLY D 645 -5.36 -1.28 -22.46
CA GLY D 645 -6.01 -0.76 -23.66
C GLY D 645 -7.45 -1.20 -23.77
N LEU D 646 -7.74 -2.46 -23.40
CA LEU D 646 -9.11 -2.93 -23.41
C LEU D 646 -9.97 -2.15 -22.41
N TYR D 647 -9.43 -1.86 -21.23
CA TYR D 647 -10.18 -1.10 -20.24
C TYR D 647 -10.57 0.27 -20.78
N GLU D 648 -9.62 0.96 -21.41
CA GLU D 648 -9.92 2.29 -21.95
C GLU D 648 -10.84 2.20 -23.16
N GLN D 649 -10.69 1.16 -23.98
CA GLN D 649 -11.50 1.03 -25.18
C GLN D 649 -12.97 0.82 -24.88
N TYR D 650 -13.32 0.43 -23.65
CA TYR D 650 -14.71 0.19 -23.28
C TYR D 650 -15.15 1.06 -22.10
N GLY D 651 -14.36 2.07 -21.74
CA GLY D 651 -14.77 3.01 -20.73
C GLY D 651 -14.70 2.50 -19.30
N PHE D 652 -14.08 1.34 -19.08
CA PHE D 652 -13.94 0.83 -17.73
C PHE D 652 -12.93 1.67 -16.94
N GLN D 653 -13.07 1.64 -15.62
CA GLN D 653 -12.18 2.38 -14.76
C GLN D 653 -10.74 1.96 -15.02
N ARG D 654 -9.94 2.86 -15.57
CA ARG D 654 -8.59 2.53 -15.99
C ARG D 654 -7.68 2.31 -14.77
N PHE D 655 -6.66 1.48 -14.97
CA PHE D 655 -5.65 1.21 -13.96
C PHE D 655 -4.28 1.63 -14.49
N SER D 656 -3.38 1.96 -13.57
CA SER D 656 -2.06 2.42 -13.95
C SER D 656 -1.23 1.25 -14.49
N ALA D 657 -1.22 1.08 -15.81
CA ALA D 657 -0.47 -0.02 -16.40
C ALA D 657 1.02 0.11 -16.16
N ILE D 658 1.56 1.33 -16.29
CA ILE D 658 2.99 1.57 -16.12
C ILE D 658 3.16 2.57 -14.97
N PRO D 659 3.91 2.23 -13.92
CA PRO D 659 4.04 3.15 -12.78
C PRO D 659 4.68 4.47 -13.21
N LEU D 660 4.18 5.57 -12.64
CA LEU D 660 4.68 6.91 -12.92
C LEU D 660 4.99 7.61 -11.61
N ARG D 661 6.18 8.22 -11.53
CA ARG D 661 6.57 9.01 -10.36
C ARG D 661 6.07 10.45 -10.52
N ARG D 662 4.74 10.58 -10.40
CA ARG D 662 4.08 11.83 -10.76
C ARG D 662 4.30 12.92 -9.71
N SER D 663 4.37 12.54 -8.44
CA SER D 663 4.37 13.53 -7.38
C SER D 663 5.53 14.51 -7.55
N LEU D 664 5.21 15.80 -7.43
CA LEU D 664 6.20 16.86 -7.48
C LEU D 664 6.76 17.21 -6.10
N ILE D 665 6.17 16.68 -5.02
CA ILE D 665 6.71 16.90 -3.70
C ILE D 665 8.09 16.24 -3.61
N GLN D 666 9.04 16.93 -2.98
CA GLN D 666 10.40 16.44 -2.90
C GLN D 666 10.42 15.02 -2.33
N SER D 667 10.83 14.06 -3.16
CA SER D 667 10.86 12.67 -2.74
C SER D 667 12.24 12.31 -2.20
N HIS D 668 12.27 11.25 -1.40
CA HIS D 668 13.52 10.79 -0.82
C HIS D 668 14.46 10.28 -1.90
N VAL D 669 15.73 10.68 -1.78
CA VAL D 669 16.79 10.25 -2.69
C VAL D 669 17.88 9.61 -1.86
N ARG D 670 18.30 8.41 -2.26
CA ARG D 670 19.28 7.66 -1.48
C ARG D 670 20.67 8.26 -1.66
N ILE D 671 21.35 8.49 -0.55
CA ILE D 671 22.71 9.03 -0.54
C ILE D 671 23.60 8.02 0.18
N ASP D 672 24.65 7.57 -0.52
CA ASP D 672 25.59 6.60 0.02
C ASP D 672 26.95 7.26 0.22
N THR D 673 27.93 6.44 0.62
CA THR D 673 29.27 6.96 0.84
C THR D 673 29.87 7.55 -0.44
N ILE D 674 29.67 6.88 -1.58
CA ILE D 674 30.25 7.37 -2.82
C ILE D 674 29.63 8.71 -3.20
N ILE D 675 28.31 8.82 -3.10
CA ILE D 675 27.65 10.09 -3.40
C ILE D 675 28.11 11.18 -2.44
N LEU D 676 28.49 10.80 -1.21
CA LEU D 676 28.85 11.79 -0.21
C LEU D 676 30.07 12.59 -0.64
N TYR D 677 31.15 11.91 -1.02
CA TYR D 677 32.38 12.63 -1.34
C TYR D 677 32.35 13.19 -2.75
N GLN D 678 31.52 12.61 -3.63
CA GLN D 678 31.43 13.12 -4.99
C GLN D 678 30.66 14.43 -5.07
N HIS D 679 29.58 14.54 -4.29
CA HIS D 679 28.68 15.69 -4.39
C HIS D 679 28.64 16.56 -3.14
N ILE D 680 28.73 15.98 -1.95
CA ILE D 680 28.62 16.73 -0.71
C ILE D 680 29.97 17.33 -0.30
N LEU D 681 30.96 16.47 -0.03
CA LEU D 681 32.29 16.95 0.28
C LEU D 681 33.03 17.41 -0.97
N CYS D 682 32.68 16.86 -2.14
CA CYS D 682 33.26 17.27 -3.41
C CYS D 682 34.78 17.07 -3.41
N ILE D 683 35.22 15.97 -2.80
CA ILE D 683 36.62 15.61 -2.80
C ILE D 683 36.83 14.47 -3.80
N THR D 684 38.07 14.36 -4.28
CA THR D 684 38.39 13.34 -5.28
C THR D 684 38.26 11.94 -4.68
N ARG D 685 37.96 10.98 -5.56
CA ARG D 685 37.84 9.59 -5.11
C ARG D 685 39.13 9.11 -4.46
N ARG D 686 40.27 9.57 -4.95
CA ARG D 686 41.54 9.15 -4.37
C ARG D 686 41.65 9.54 -2.91
N ASP D 687 41.26 10.77 -2.57
CA ASP D 687 41.31 11.22 -1.19
C ASP D 687 40.31 10.46 -0.34
N ALA D 688 39.11 10.21 -0.86
CA ALA D 688 38.06 9.59 -0.07
C ALA D 688 38.44 8.19 0.38
N GLU D 689 39.05 7.40 -0.50
CA GLU D 689 39.38 6.03 -0.17
C GLU D 689 40.47 5.92 0.90
N THR D 690 41.17 7.01 1.20
CA THR D 690 42.21 6.99 2.22
C THR D 690 41.67 7.23 3.62
N VAL D 691 40.37 7.42 3.78
CA VAL D 691 39.75 7.72 5.06
C VAL D 691 38.76 6.62 5.40
N GLU D 692 38.56 6.40 6.70
CA GLU D 692 37.60 5.39 7.14
C GLU D 692 36.19 5.77 6.72
N LYS D 693 35.33 4.77 6.54
CA LYS D 693 33.97 5.02 6.09
C LYS D 693 33.23 5.91 7.09
N ASP D 694 33.33 5.61 8.38
CA ASP D 694 32.64 6.42 9.38
C ASP D 694 33.24 7.81 9.47
N ASP D 695 34.57 7.92 9.45
CA ASP D 695 35.22 9.23 9.55
C ASP D 695 34.83 10.14 8.39
N LEU D 696 34.60 9.57 7.20
CA LEU D 696 34.18 10.39 6.07
C LEU D 696 32.79 10.97 6.29
N TRP D 697 31.90 10.20 6.93
CA TRP D 697 30.55 10.67 7.19
C TRP D 697 30.49 11.67 8.34
N MET D 698 31.38 11.53 9.32
CA MET D 698 31.35 12.44 10.47
C MET D 698 31.58 13.89 10.05
N ARG D 699 32.21 14.13 8.90
CA ARG D 699 32.42 15.48 8.41
C ARG D 699 31.14 16.14 7.92
N VAL D 700 30.05 15.37 7.77
CA VAL D 700 28.79 15.92 7.28
C VAL D 700 27.69 15.63 8.29
N CYS D 701 27.52 14.36 8.63
CA CYS D 701 26.45 13.92 9.51
C CYS D 701 26.93 13.88 10.96
N ASN D 702 26.01 14.12 11.88
CA ASN D 702 26.29 14.06 13.32
C ASN D 702 25.97 12.65 13.82
N LEU D 703 26.97 11.78 13.71
CA LEU D 703 26.78 10.38 14.10
C LEU D 703 26.54 10.20 15.59
N CYS D 704 26.80 11.24 16.40
CA CYS D 704 26.51 11.15 17.83
C CYS D 704 25.02 11.16 18.11
N THR D 705 24.20 11.45 17.11
CA THR D 705 22.76 11.52 17.32
C THR D 705 22.20 10.13 17.63
N LYS D 706 21.08 10.12 18.36
CA LYS D 706 20.47 8.85 18.77
C LYS D 706 20.11 7.99 17.57
N ALA D 707 19.86 8.60 16.42
CA ALA D 707 19.38 7.85 15.26
C ALA D 707 20.42 6.85 14.76
N PHE D 708 21.71 7.16 14.92
CA PHE D 708 22.78 6.35 14.35
C PHE D 708 23.24 5.23 15.27
N ARG D 709 22.64 5.09 16.46
CA ARG D 709 23.04 4.04 17.38
C ARG D 709 22.67 2.67 16.81
N SER D 710 23.55 1.69 17.04
CA SER D 710 23.33 0.35 16.54
C SER D 710 22.22 -0.35 17.33
N ARG D 711 21.62 -1.36 16.70
CA ARG D 711 20.54 -2.12 17.32
C ARG D 711 20.55 -3.55 16.81
N CYS D 712 20.37 -4.49 17.74
CA CYS D 712 20.23 -5.91 17.42
C CYS D 712 21.41 -6.39 16.58
N GLY D 713 22.61 -5.95 16.91
CA GLY D 713 23.79 -6.38 16.18
C GLY D 713 23.96 -5.75 14.81
N MET D 714 23.14 -4.77 14.46
CA MET D 714 23.22 -4.09 13.17
C MET D 714 23.83 -2.70 13.39
N HIS D 715 24.90 -2.43 12.66
CA HIS D 715 25.63 -1.17 12.78
C HIS D 715 25.33 -0.27 11.59
N PHE D 716 25.64 1.01 11.74
CA PHE D 716 25.38 1.97 10.68
C PHE D 716 26.52 1.97 9.66
N GLU D 717 26.15 1.76 8.40
CA GLU D 717 27.08 1.89 7.28
C GLU D 717 26.53 2.96 6.36
N GLY D 718 27.42 3.65 5.66
CA GLY D 718 27.02 4.86 4.95
C GLY D 718 25.91 4.64 3.95
N SER D 719 24.70 5.08 4.29
CA SER D 719 23.55 5.01 3.39
C SER D 719 22.36 5.71 4.04
N ILE D 720 21.73 6.65 3.34
CA ILE D 720 20.60 7.38 3.88
C ILE D 720 19.71 7.85 2.74
N THR D 721 18.44 8.08 3.07
CA THR D 721 17.48 8.68 2.15
C THR D 721 16.87 9.91 2.80
N THR D 722 16.91 11.03 2.09
CA THR D 722 16.44 12.30 2.63
C THR D 722 15.68 13.06 1.56
N ASP D 723 14.77 13.92 2.02
CA ASP D 723 13.97 14.77 1.14
C ASP D 723 14.05 16.25 1.52
N GLY D 724 15.04 16.63 2.33
CA GLY D 724 15.19 18.00 2.77
C GLY D 724 14.46 18.34 4.06
N ALA D 725 13.63 17.45 4.58
CA ALA D 725 12.92 17.65 5.84
C ALA D 725 13.15 16.54 6.84
N SER D 726 13.26 15.30 6.39
CA SER D 726 13.51 14.16 7.25
C SER D 726 14.61 13.29 6.63
N VAL D 727 15.34 12.59 7.49
CA VAL D 727 16.43 11.72 7.07
C VAL D 727 16.18 10.32 7.63
N SER D 728 16.26 9.32 6.76
CA SER D 728 16.09 7.93 7.15
C SER D 728 17.46 7.27 7.23
N VAL D 729 17.82 6.81 8.43
CA VAL D 729 19.11 6.17 8.68
C VAL D 729 18.90 4.66 8.63
N TYR D 730 19.67 3.99 7.80
CA TYR D 730 19.57 2.54 7.61
C TYR D 730 20.71 1.84 8.30
N LEU D 731 20.38 0.82 9.09
CA LEU D 731 21.37 -0.03 9.75
C LEU D 731 21.49 -1.34 8.98
N LYS D 732 22.74 -1.78 8.78
CA LYS D 732 23.02 -2.93 7.94
C LYS D 732 23.73 -4.00 8.76
N HIS D 733 23.21 -5.23 8.71
CA HIS D 733 23.80 -6.34 9.43
C HIS D 733 25.07 -6.81 8.72
N PRO D 734 26.07 -7.29 9.47
CA PRO D 734 27.29 -7.80 8.81
C PRO D 734 27.03 -8.94 7.85
N GLU D 735 26.00 -9.74 8.09
CA GLU D 735 25.70 -10.90 7.26
C GLU D 735 24.86 -10.55 6.04
N ALA D 736 24.89 -9.30 5.59
CA ALA D 736 24.11 -8.90 4.43
C ALA D 736 24.56 -9.69 3.20
N ASP D 737 23.63 -9.84 2.25
CA ASP D 737 23.92 -10.63 1.05
C ASP D 737 25.06 -10.03 0.25
N LYS D 738 25.09 -8.71 0.10
CA LYS D 738 26.09 -8.04 -0.72
C LYS D 738 26.06 -8.58 -2.16
N TYR D 739 24.85 -8.75 -2.67
CA TYR D 739 24.64 -9.25 -4.03
C TYR D 739 25.27 -10.64 -4.20
N LYS D 756 -1.06 -20.78 9.75
CA LYS D 756 -1.97 -21.06 10.86
C LYS D 756 -1.29 -20.86 12.20
N ALA D 757 0.05 -20.77 12.19
CA ALA D 757 0.79 -20.61 13.42
C ALA D 757 0.43 -19.33 14.17
N LEU D 758 -0.10 -18.32 13.49
CA LEU D 758 -0.48 -17.09 14.16
C LEU D 758 -1.69 -17.27 15.07
N TYR D 759 -2.61 -18.16 14.73
CA TYR D 759 -3.82 -18.32 15.52
C TYR D 759 -3.50 -18.86 16.90
N VAL D 760 -4.30 -18.43 17.88
CA VAL D 760 -4.11 -18.85 19.27
C VAL D 760 -4.37 -20.34 19.44
N GLU D 761 -5.09 -20.97 18.49
CA GLU D 761 -5.40 -22.38 18.62
C GLU D 761 -4.15 -23.23 18.79
N ASN D 762 -3.03 -22.81 18.20
CA ASN D 762 -1.77 -23.53 18.31
C ASN D 762 -0.82 -22.94 19.33
N ASN D 763 -1.07 -21.71 19.80
CA ASN D 763 -0.21 -21.05 20.78
C ASN D 763 -0.79 -21.08 22.19
N LEU D 764 -1.64 -22.07 22.48
CA LEU D 764 -2.24 -22.15 23.82
C LEU D 764 -1.19 -22.23 24.93
N PRO D 765 -0.11 -23.02 24.80
CA PRO D 765 0.85 -23.10 25.92
C PRO D 765 1.40 -21.75 26.33
N ALA D 766 1.66 -20.86 25.37
CA ALA D 766 2.18 -19.54 25.71
C ALA D 766 1.15 -18.71 26.46
N CYS D 767 -0.12 -18.81 26.05
CA CYS D 767 -1.16 -18.01 26.68
C CYS D 767 -1.34 -18.39 28.15
N ARG D 768 -1.25 -19.69 28.46
CA ARG D 768 -1.43 -20.13 29.84
C ARG D 768 -0.40 -19.51 30.79
N ALA D 769 0.79 -19.19 30.28
CA ALA D 769 1.83 -18.58 31.10
C ALA D 769 1.84 -17.07 31.00
N ALA D 770 0.93 -16.49 30.22
CA ALA D 770 0.89 -15.04 30.08
C ALA D 770 0.42 -14.39 31.38
N GLU D 771 1.03 -13.26 31.72
CA GLU D 771 0.62 -12.53 32.92
C GLU D 771 -0.81 -12.04 32.81
N ASN D 772 -1.20 -11.52 31.65
CA ASN D 772 -2.57 -11.08 31.41
C ASN D 772 -2.91 -11.32 29.95
N VAL D 773 -4.17 -11.65 29.71
CA VAL D 773 -4.67 -11.95 28.37
C VAL D 773 -5.70 -10.88 28.01
N VAL D 774 -5.48 -10.22 26.88
CA VAL D 774 -6.35 -9.15 26.41
C VAL D 774 -6.95 -9.56 25.08
N VAL D 775 -8.27 -9.47 24.98
CA VAL D 775 -9.00 -9.78 23.75
C VAL D 775 -9.37 -8.47 23.06
N ILE D 776 -9.10 -8.39 21.76
CA ILE D 776 -9.31 -7.16 21.00
C ILE D 776 -10.14 -7.48 19.77
N ASP D 777 -11.18 -6.68 19.53
CA ASP D 777 -12.04 -6.83 18.37
C ASP D 777 -11.86 -5.65 17.44
N PRO D 778 -11.25 -5.81 16.26
CA PRO D 778 -11.07 -4.65 15.38
C PRO D 778 -12.36 -4.19 14.73
N ASN D 779 -12.49 -2.87 14.59
CA ASN D 779 -13.65 -2.26 13.96
C ASN D 779 -13.18 -1.02 13.21
N LYS D 780 -14.13 -0.20 12.76
CA LYS D 780 -13.83 1.04 12.05
C LYS D 780 -13.80 2.25 12.96
N ARG D 781 -14.92 2.59 13.60
CA ARG D 781 -14.96 3.72 14.52
C ARG D 781 -14.07 3.42 15.73
N ASP D 782 -14.24 2.25 16.33
CA ASP D 782 -13.37 1.76 17.39
C ASP D 782 -12.36 0.79 16.79
N ILE D 783 -11.23 1.35 16.36
CA ILE D 783 -10.22 0.56 15.66
C ILE D 783 -9.77 -0.61 16.54
N LEU D 784 -9.57 -0.36 17.82
CA LEU D 784 -9.26 -1.41 18.80
C LEU D 784 -10.20 -1.27 19.98
N TYR D 785 -10.86 -2.37 20.35
CA TYR D 785 -11.69 -2.45 21.54
C TYR D 785 -11.18 -3.61 22.38
N CYS D 786 -10.66 -3.29 23.57
CA CYS D 786 -9.92 -4.26 24.37
C CYS D 786 -10.69 -4.60 25.63
N GLN D 787 -10.54 -5.86 26.06
CA GLN D 787 -11.13 -6.33 27.31
C GLN D 787 -10.28 -7.47 27.84
N ASP D 788 -10.38 -7.72 29.14
CA ASP D 788 -9.65 -8.79 29.80
C ASP D 788 -10.57 -9.54 30.74
N SER D 789 -10.02 -10.59 31.35
CA SER D 789 -10.80 -11.41 32.28
C SER D 789 -11.29 -10.62 33.48
N ASN D 790 -10.53 -9.61 33.94
CA ASN D 790 -10.94 -8.82 35.09
C ASN D 790 -12.16 -7.97 34.78
N GLY D 791 -12.50 -7.76 33.52
CA GLY D 791 -13.66 -6.99 33.14
C GLY D 791 -13.39 -5.55 32.76
N THR D 792 -12.13 -5.11 32.80
CA THR D 792 -11.80 -3.75 32.39
C THR D 792 -11.88 -3.62 30.87
N THR D 793 -12.02 -2.38 30.41
CA THR D 793 -12.20 -2.08 28.99
C THR D 793 -11.27 -0.95 28.59
N PHE D 794 -10.85 -1.01 27.33
CA PHE D 794 -10.02 0.04 26.74
C PHE D 794 -10.20 -0.01 25.22
N ARG D 795 -10.24 1.16 24.61
CA ARG D 795 -10.45 1.25 23.17
C ARG D 795 -9.57 2.35 22.60
N TYR D 796 -9.24 2.20 21.31
CA TYR D 796 -8.45 3.16 20.55
C TYR D 796 -9.27 3.54 19.32
N THR D 797 -10.04 4.61 19.43
CA THR D 797 -10.98 5.00 18.39
C THR D 797 -10.26 5.67 17.22
N ALA D 798 -10.95 5.68 16.07
CA ALA D 798 -10.39 6.35 14.90
C ALA D 798 -10.26 7.85 15.12
N ASN D 799 -11.23 8.46 15.80
CA ASN D 799 -11.15 9.90 16.07
C ASN D 799 -9.91 10.22 16.89
N GLN D 800 -9.60 9.40 17.89
CA GLN D 800 -8.39 9.61 18.67
C GLN D 800 -7.15 9.57 17.79
N ARG D 801 -7.09 8.57 16.89
CA ARG D 801 -5.95 8.48 15.98
C ARG D 801 -5.91 9.69 15.05
N ALA D 802 -7.06 10.08 14.50
CA ALA D 802 -7.08 11.22 13.58
C ALA D 802 -6.65 12.51 14.26
N VAL D 803 -7.12 12.75 15.49
CA VAL D 803 -6.74 13.95 16.21
C VAL D 803 -5.28 13.87 16.65
N GLU D 804 -4.87 12.73 17.19
CA GLU D 804 -3.49 12.59 17.65
C GLU D 804 -2.50 12.62 16.48
N THR D 805 -2.77 11.83 15.44
CA THR D 805 -1.87 11.81 14.29
C THR D 805 -1.90 13.12 13.51
N GLY D 806 -3.02 13.84 13.54
CA GLY D 806 -3.13 15.10 12.84
C GLY D 806 -3.41 14.97 11.36
N SER D 807 -3.61 13.77 10.84
CA SER D 807 -3.90 13.61 9.41
C SER D 807 -5.18 14.35 9.03
N ARG D 808 -6.22 14.23 9.85
CA ARG D 808 -7.45 14.95 9.59
C ARG D 808 -7.24 16.46 9.67
N ARG D 809 -6.47 16.92 10.66
CA ARG D 809 -6.21 18.35 10.80
C ARG D 809 -5.32 18.87 9.67
N PHE D 810 -4.34 18.08 9.26
CA PHE D 810 -3.46 18.50 8.16
C PHE D 810 -4.22 18.59 6.86
N ALA D 811 -5.26 17.76 6.69
CA ALA D 811 -5.97 17.72 5.42
C ALA D 811 -6.57 19.07 5.06
N LYS D 812 -7.20 19.73 6.03
CA LYS D 812 -7.80 21.04 5.76
C LYS D 812 -6.74 22.06 5.36
N ARG D 813 -5.61 22.08 6.07
CA ARG D 813 -4.54 23.02 5.73
C ARG D 813 -3.98 22.70 4.35
N ARG D 814 -3.84 21.42 4.02
CA ARG D 814 -3.36 21.05 2.69
C ARG D 814 -4.31 21.54 1.60
N GLU D 815 -5.62 21.36 1.83
CA GLU D 815 -6.60 21.87 0.88
C GLU D 815 -6.65 23.39 0.90
N ALA D 816 -6.46 23.99 2.08
CA ALA D 816 -6.49 25.44 2.18
C ALA D 816 -5.37 26.09 1.37
N MET D 817 -4.18 25.49 1.37
CA MET D 817 -3.08 26.05 0.60
C MET D 817 -3.40 26.12 -0.88
N LYS D 818 -4.14 25.14 -1.40
CA LYS D 818 -4.54 25.19 -2.80
C LYS D 818 -5.42 26.39 -3.09
N GLU D 819 -6.37 26.68 -2.20
CA GLU D 819 -7.25 27.83 -2.40
C GLU D 819 -6.44 29.13 -2.41
N GLU D 820 -5.51 29.28 -1.47
CA GLU D 820 -4.71 30.49 -1.42
C GLU D 820 -3.86 30.66 -2.68
N ALA D 821 -3.24 29.59 -3.14
CA ALA D 821 -2.41 29.62 -4.34
C ALA D 821 -3.18 29.32 -5.61
N GLY D 822 -4.45 28.94 -5.52
CA GLY D 822 -5.23 28.63 -6.70
C GLY D 822 -4.68 27.48 -7.52
N VAL D 823 -4.20 26.43 -6.86
CA VAL D 823 -3.65 25.28 -7.56
C VAL D 823 -4.69 24.20 -7.84
N ASP D 824 -5.78 24.17 -7.07
CA ASP D 824 -6.80 23.16 -7.31
C ASP D 824 -7.40 23.29 -8.70
N LEU D 825 -7.56 24.53 -9.19
CA LEU D 825 -8.09 24.74 -10.53
C LEU D 825 -7.18 24.17 -11.60
N ILE D 826 -5.90 23.96 -11.29
CA ILE D 826 -4.94 23.45 -12.26
C ILE D 826 -4.89 21.93 -12.26
N GLU D 827 -4.73 21.32 -11.08
CA GLU D 827 -4.58 19.88 -11.00
C GLU D 827 -5.83 19.15 -11.48
N SER D 828 -7.01 19.67 -11.12
CA SER D 828 -8.25 18.99 -11.47
C SER D 828 -8.44 18.86 -12.98
N ARG D 829 -7.81 19.72 -13.77
CA ARG D 829 -7.95 19.70 -15.22
C ARG D 829 -6.87 18.86 -15.91
N ILE D 830 -5.94 18.28 -15.16
CA ILE D 830 -4.87 17.48 -15.77
C ILE D 830 -5.48 16.23 -16.42
N PRO D 831 -5.16 15.92 -17.68
CA PRO D 831 -5.68 14.70 -18.27
C PRO D 831 -5.18 13.45 -17.54
N SER D 832 -5.97 12.39 -17.63
CA SER D 832 -5.64 11.15 -16.94
C SER D 832 -4.29 10.62 -17.43
N HIS D 833 -3.44 10.25 -16.47
CA HIS D 833 -2.15 9.65 -16.80
C HIS D 833 -2.25 8.15 -17.05
N LYS D 834 -3.37 7.53 -16.66
CA LYS D 834 -3.55 6.10 -16.85
C LYS D 834 -3.83 5.74 -18.31
N THR D 835 -4.05 6.73 -19.17
CA THR D 835 -4.36 6.45 -20.56
C THR D 835 -3.18 5.75 -21.26
N MET D 836 -3.51 4.96 -22.27
CA MET D 836 -2.52 4.23 -23.05
C MET D 836 -2.37 4.74 -24.48
N ASN D 837 -3.32 5.54 -24.97
CA ASN D 837 -3.19 6.08 -26.33
C ASN D 837 -2.09 7.13 -26.36
N LEU D 838 -1.23 7.06 -27.37
CA LEU D 838 -0.11 7.98 -27.45
C LEU D 838 -0.58 9.42 -27.56
N MET D 839 -1.58 9.67 -28.41
CA MET D 839 -2.09 11.02 -28.58
C MET D 839 -2.70 11.56 -27.29
N ASP D 840 -3.49 10.73 -26.60
CA ASP D 840 -4.05 11.15 -25.32
C ASP D 840 -2.95 11.37 -24.29
N PHE D 841 -1.96 10.49 -24.24
CA PHE D 841 -0.85 10.66 -23.32
C PHE D 841 -0.04 11.90 -23.65
N THR D 842 0.09 12.22 -24.94
CA THR D 842 0.80 13.43 -25.34
C THR D 842 0.11 14.67 -24.77
N ARG D 843 -1.23 14.68 -24.77
CA ARG D 843 -1.95 15.79 -24.17
C ARG D 843 -1.64 15.91 -22.69
N TYR D 844 -1.56 14.77 -21.99
CA TYR D 844 -1.26 14.80 -20.56
C TYR D 844 0.08 15.47 -20.29
N LEU D 845 1.09 15.13 -21.07
CA LEU D 845 2.39 15.76 -20.89
C LEU D 845 2.32 17.26 -21.17
N LEU D 846 1.62 17.65 -22.23
CA LEU D 846 1.51 19.06 -22.57
C LEU D 846 0.78 19.84 -21.49
N VAL D 847 -0.33 19.30 -20.98
CA VAL D 847 -1.05 19.98 -19.91
C VAL D 847 -0.22 20.05 -18.64
N ARG D 848 0.52 18.97 -18.34
CA ARG D 848 1.38 18.99 -17.15
C ARG D 848 2.46 20.06 -17.29
N ARG D 849 2.98 20.25 -18.50
CA ARG D 849 3.99 21.28 -18.72
C ARG D 849 3.38 22.67 -18.67
N ALA D 850 2.08 22.80 -18.96
CA ALA D 850 1.46 24.11 -19.08
C ALA D 850 1.60 24.89 -17.78
N ASP D 851 1.33 24.25 -16.64
CA ASP D 851 1.42 24.91 -15.33
C ASP D 851 2.47 24.25 -14.44
N TRP D 852 3.49 23.64 -15.03
CA TRP D 852 4.51 22.96 -14.23
C TRP D 852 5.26 23.95 -13.36
N ASP D 853 5.62 25.12 -13.91
CA ASP D 853 6.38 26.10 -13.15
C ASP D 853 5.59 26.62 -11.96
N ARG D 854 4.31 26.92 -12.16
CA ARG D 854 3.50 27.46 -11.06
C ARG D 854 3.36 26.44 -9.93
N ARG D 855 3.12 25.17 -10.28
CA ARG D 855 2.99 24.14 -9.24
C ARG D 855 4.33 23.88 -8.56
N LYS D 856 5.44 24.00 -9.28
CA LYS D 856 6.74 23.75 -8.67
C LYS D 856 6.99 24.70 -7.50
N GLU D 857 6.66 25.98 -7.69
CA GLU D 857 6.79 26.94 -6.58
C GLU D 857 5.89 26.57 -5.42
N PHE D 858 4.66 26.13 -5.72
CA PHE D 858 3.71 25.76 -4.66
C PHE D 858 4.23 24.57 -3.85
N TYR D 859 4.76 23.56 -4.53
CA TYR D 859 5.28 22.39 -3.84
C TYR D 859 6.67 22.60 -3.26
N SER D 860 7.35 23.69 -3.63
CA SER D 860 8.63 24.01 -3.01
C SER D 860 8.45 24.49 -1.58
N HIS D 861 7.22 24.76 -1.16
CA HIS D 861 6.96 25.19 0.21
C HIS D 861 7.40 24.10 1.19
N PRO D 862 8.19 24.42 2.22
CA PRO D 862 8.62 23.38 3.17
C PRO D 862 7.46 22.71 3.88
N ALA D 863 6.28 23.34 3.86
CA ALA D 863 5.14 22.80 4.59
C ALA D 863 4.76 21.41 4.08
N HIS D 864 4.79 21.22 2.75
CA HIS D 864 4.38 19.93 2.20
C HIS D 864 5.24 18.80 2.73
N THR D 865 6.56 18.95 2.68
CA THR D 865 7.45 17.91 3.21
C THR D 865 7.41 17.90 4.74
N ARG D 866 7.17 19.04 5.37
CA ARG D 866 7.10 19.09 6.82
C ARG D 866 5.96 18.23 7.35
N TRP D 867 4.81 18.28 6.69
CA TRP D 867 3.68 17.46 7.12
C TRP D 867 3.98 15.97 7.00
N LYS D 868 4.67 15.55 5.93
CA LYS D 868 5.07 14.16 5.83
C LYS D 868 5.99 13.75 6.98
N TRP D 869 6.77 14.69 7.51
CA TRP D 869 7.65 14.41 8.63
C TRP D 869 6.91 14.53 9.96
N HIS D 870 6.14 15.60 10.13
CA HIS D 870 5.37 15.76 11.35
C HIS D 870 4.33 14.65 11.51
N SER D 871 3.68 14.24 10.43
CA SER D 871 2.74 13.14 10.51
C SER D 871 3.42 11.87 11.01
N PHE D 872 4.70 11.69 10.70
CA PHE D 872 5.43 10.54 11.20
C PHE D 872 5.66 10.64 12.70
N ILE D 873 5.99 11.83 13.20
CA ILE D 873 6.21 12.00 14.63
C ILE D 873 4.90 11.77 15.39
N ASN D 874 3.81 12.40 14.93
CA ASN D 874 2.52 12.21 15.57
C ASN D 874 2.07 10.75 15.47
N ARG D 875 2.32 10.10 14.34
CA ARG D 875 1.99 8.69 14.20
C ARG D 875 2.76 7.83 15.20
N GLN D 876 4.05 8.13 15.40
CA GLN D 876 4.81 7.43 16.41
C GLN D 876 4.26 7.69 17.81
N LYS D 877 3.94 8.96 18.11
CA LYS D 877 3.44 9.30 19.43
C LYS D 877 2.09 8.62 19.70
N SER D 878 1.19 8.66 18.72
CA SER D 878 -0.12 8.05 18.90
C SER D 878 -0.01 6.56 19.15
N GLU D 879 0.83 5.87 18.37
CA GLU D 879 1.02 4.43 18.57
C GLU D 879 1.83 4.12 19.82
N SER D 880 2.79 4.97 20.18
CA SER D 880 3.55 4.75 21.41
C SER D 880 2.67 4.96 22.63
N ASP D 881 1.82 5.99 22.62
CA ASP D 881 0.90 6.20 23.72
C ASP D 881 -0.13 5.08 23.83
N LEU D 882 -0.49 4.46 22.70
CA LEU D 882 -1.42 3.34 22.73
C LEU D 882 -0.87 2.20 23.59
N ILE D 883 0.39 1.85 23.39
CA ILE D 883 1.00 0.80 24.19
C ILE D 883 1.12 1.24 25.65
N SER D 884 1.47 2.51 25.88
CA SER D 884 1.60 3.00 27.25
C SER D 884 0.28 2.90 27.98
N ASN D 885 -0.83 3.30 27.34
CA ASN D 885 -2.13 3.21 27.98
C ASN D 885 -2.50 1.76 28.25
N MET D 886 -2.26 0.88 27.28
CA MET D 886 -2.59 -0.53 27.47
C MET D 886 -1.76 -1.14 28.59
N ARG D 887 -0.47 -0.80 28.66
CA ARG D 887 0.37 -1.33 29.73
C ARG D 887 -0.13 -0.89 31.09
N ASN D 888 -0.48 0.39 31.24
CA ASN D 888 -1.05 0.86 32.51
C ASN D 888 -2.40 0.21 32.77
N LYS D 889 -3.22 0.07 31.73
CA LYS D 889 -4.57 -0.45 31.91
C LYS D 889 -4.57 -1.92 32.30
N TYR D 890 -3.76 -2.74 31.64
CA TYR D 890 -3.77 -4.19 31.84
C TYR D 890 -2.53 -4.73 32.51
N GLY D 891 -1.46 -3.94 32.61
CA GLY D 891 -0.24 -4.41 33.24
C GLY D 891 0.99 -4.24 32.37
N GLU D 892 2.17 -4.32 32.98
CA GLU D 892 3.41 -4.08 32.23
C GLU D 892 3.61 -5.09 31.12
N ASN D 893 3.12 -6.32 31.27
CA ASN D 893 3.26 -7.36 30.25
C ASN D 893 1.94 -8.08 30.10
N PHE D 894 1.57 -8.35 28.85
CA PHE D 894 0.31 -9.02 28.56
C PHE D 894 0.39 -9.66 27.17
N THR D 895 -0.54 -10.57 26.91
CA THR D 895 -0.66 -11.23 25.63
C THR D 895 -1.96 -10.78 24.97
N VAL D 896 -1.90 -10.53 23.66
CA VAL D 896 -3.03 -9.97 22.92
C VAL D 896 -3.59 -11.05 22.00
N VAL D 897 -4.90 -11.29 22.13
CA VAL D 897 -5.63 -12.16 21.22
C VAL D 897 -6.60 -11.28 20.43
N MET D 898 -6.42 -11.25 19.11
CA MET D 898 -7.18 -10.36 18.24
C MET D 898 -7.90 -11.18 17.18
N GLY D 899 -9.05 -10.67 16.74
CA GLY D 899 -9.79 -11.36 15.70
C GLY D 899 -9.04 -11.32 14.38
N ASP D 900 -9.35 -12.29 13.52
CA ASP D 900 -8.68 -12.41 12.22
C ASP D 900 -9.29 -11.53 11.14
N TRP D 901 -10.37 -10.82 11.44
CA TRP D 901 -10.99 -9.96 10.43
C TRP D 901 -10.03 -8.83 10.06
N SER D 902 -9.99 -8.52 8.76
CA SER D 902 -9.12 -7.46 8.27
C SER D 902 -9.57 -7.05 6.88
N ASP D 903 -9.51 -5.75 6.60
CA ASP D 903 -9.79 -5.23 5.27
C ASP D 903 -8.50 -4.92 4.54
N ALA D 904 -7.46 -5.72 4.80
CA ALA D 904 -6.13 -5.48 4.25
C ALA D 904 -6.19 -5.28 2.74
N GLY D 905 -5.86 -4.08 2.28
CA GLY D 905 -5.89 -3.77 0.87
C GLY D 905 -7.22 -4.00 0.19
N ARG D 906 -8.30 -4.17 0.95
CA ARG D 906 -9.62 -4.45 0.40
C ARG D 906 -10.67 -3.63 1.13
N THR D 907 -10.38 -2.36 1.37
CA THR D 907 -11.33 -1.51 2.08
C THR D 907 -12.63 -1.41 1.29
N ALA D 908 -13.75 -1.61 1.98
CA ALA D 908 -15.05 -1.52 1.34
C ALA D 908 -15.37 -0.07 1.00
N ARG D 909 -16.27 0.11 0.04
CA ARG D 909 -16.65 1.45 -0.37
C ARG D 909 -17.32 2.19 0.77
N PHE D 910 -17.23 3.52 0.72
CA PHE D 910 -17.63 4.36 1.85
C PHE D 910 -16.71 4.07 3.04
N GLN D 911 -17.08 4.55 4.22
CA GLN D 911 -16.25 4.35 5.40
C GLN D 911 -14.86 4.95 5.19
N THR D 912 -13.87 4.47 5.94
CA THR D 912 -12.51 4.96 5.80
C THR D 912 -11.55 3.81 6.07
N SER D 913 -10.32 3.98 5.58
CA SER D 913 -9.28 3.01 5.84
C SER D 913 -8.91 2.99 7.32
N SER D 914 -8.58 1.80 7.82
CA SER D 914 -8.26 1.64 9.23
C SER D 914 -7.15 0.60 9.36
N LYS D 915 -6.32 0.77 10.38
CA LYS D 915 -5.23 -0.17 10.62
C LYS D 915 -5.75 -1.46 11.23
N THR D 916 -5.67 -2.54 10.46
CA THR D 916 -6.15 -3.84 10.92
C THR D 916 -5.00 -4.84 11.07
N LYS D 917 -4.27 -5.08 9.98
CA LYS D 917 -3.14 -6.01 10.05
C LYS D 917 -1.87 -5.33 10.52
N GLY D 918 -1.85 -4.00 10.57
CA GLY D 918 -0.67 -3.30 11.07
C GLY D 918 -0.44 -3.47 12.55
N TRP D 919 -1.49 -3.73 13.33
CA TRP D 919 -1.33 -3.96 14.75
C TRP D 919 -0.58 -5.26 15.01
N ARG D 920 -0.78 -6.28 14.18
CA ARG D 920 -0.05 -7.52 14.34
C ARG D 920 1.45 -7.29 14.23
N THR D 921 1.87 -6.25 13.52
CA THR D 921 3.29 -5.91 13.44
C THR D 921 3.69 -4.96 14.57
N LEU D 922 2.83 -4.00 14.90
CA LEU D 922 3.18 -3.03 15.95
C LEU D 922 3.39 -3.73 17.28
N PHE D 923 2.53 -4.69 17.61
CA PHE D 923 2.71 -5.45 18.85
C PHE D 923 4.04 -6.20 18.83
N LYS D 924 4.40 -6.76 17.67
CA LYS D 924 5.67 -7.47 17.57
C LYS D 924 6.86 -6.53 17.74
N ARG D 925 6.73 -5.27 17.29
CA ARG D 925 7.80 -4.31 17.51
C ARG D 925 8.04 -4.08 19.00
N ASN D 926 6.96 -3.96 19.77
CA ASN D 926 7.06 -3.81 21.22
C ASN D 926 7.25 -5.14 21.95
N ARG D 927 7.48 -6.22 21.21
CA ARG D 927 7.69 -7.54 21.82
C ARG D 927 6.49 -7.95 22.68
N ILE D 928 5.30 -7.68 22.18
CA ILE D 928 4.05 -8.10 22.80
C ILE D 928 3.46 -9.21 21.94
N ASP D 929 3.33 -10.41 22.52
CA ASP D 929 2.83 -11.55 21.78
C ASP D 929 1.42 -11.28 21.28
N CYS D 930 1.20 -11.54 19.99
CA CYS D 930 -0.10 -11.34 19.36
C CYS D 930 -0.52 -12.61 18.64
N PHE D 931 -1.76 -13.05 18.88
CA PHE D 931 -2.30 -14.24 18.26
C PHE D 931 -3.69 -13.95 17.70
N LEU D 932 -4.06 -14.68 16.66
CA LEU D 932 -5.31 -14.47 15.96
C LEU D 932 -6.37 -15.46 16.43
N LEU D 933 -7.64 -15.05 16.29
CA LEU D 933 -8.77 -15.88 16.68
C LEU D 933 -9.88 -15.71 15.67
N ASP D 934 -10.56 -16.80 15.35
CA ASP D 934 -11.68 -16.76 14.41
C ASP D 934 -12.86 -16.06 15.06
N GLU D 935 -13.47 -15.12 14.34
CA GLU D 935 -14.59 -14.33 14.87
C GLU D 935 -15.95 -14.86 14.45
N TYR D 936 -16.02 -16.06 13.87
CA TYR D 936 -17.30 -16.57 13.38
C TYR D 936 -18.34 -16.60 14.49
N LYS D 937 -19.44 -15.89 14.26
CA LYS D 937 -20.61 -15.86 15.16
C LYS D 937 -20.31 -15.18 16.49
N THR D 938 -19.17 -14.48 16.61
CA THR D 938 -18.88 -13.78 17.85
C THR D 938 -19.87 -12.66 18.12
N SER D 939 -20.28 -11.93 17.08
CA SER D 939 -21.20 -10.81 17.23
C SER D 939 -22.67 -11.24 17.19
N SER D 940 -22.98 -12.51 17.48
CA SER D 940 -24.35 -12.97 17.43
C SER D 940 -24.71 -13.86 18.62
N VAL D 941 -23.91 -13.83 19.69
CA VAL D 941 -24.15 -14.66 20.87
C VAL D 941 -24.10 -13.76 22.10
N CYS D 942 -25.09 -13.92 22.98
CA CYS D 942 -25.14 -13.16 24.23
C CYS D 942 -24.31 -13.89 25.29
N PRO D 943 -23.23 -13.30 25.80
CA PRO D 943 -22.38 -14.02 26.75
C PRO D 943 -23.10 -14.43 28.02
N ARG D 944 -24.05 -13.62 28.50
CA ARG D 944 -24.71 -13.91 29.76
C ARG D 944 -25.64 -15.12 29.68
N CYS D 945 -25.99 -15.58 28.47
CA CYS D 945 -26.80 -16.79 28.36
C CYS D 945 -26.20 -17.80 27.38
N SER D 946 -25.12 -17.46 26.67
CA SER D 946 -24.46 -18.40 25.76
C SER D 946 -25.45 -18.99 24.76
N SER D 947 -26.30 -18.14 24.18
CA SER D 947 -27.27 -18.57 23.20
C SER D 947 -27.51 -17.46 22.19
N SER D 948 -27.55 -17.84 20.91
CA SER D 948 -27.79 -16.92 19.82
C SER D 948 -29.26 -16.90 19.37
N GLU D 949 -30.13 -17.64 20.07
CA GLU D 949 -31.52 -17.77 19.62
C GLU D 949 -32.33 -16.49 19.86
N PHE D 950 -31.86 -15.60 20.74
CA PHE D 950 -32.63 -14.42 21.14
C PHE D 950 -31.78 -13.16 21.04
N VAL D 951 -31.11 -13.01 19.90
CA VAL D 951 -30.29 -11.83 19.62
C VAL D 951 -30.92 -11.10 18.44
N GLU D 952 -31.17 -9.80 18.60
CA GLU D 952 -31.80 -8.98 17.58
C GLU D 952 -30.81 -7.94 17.06
N LYS D 953 -31.13 -7.36 15.92
CA LYS D 953 -30.23 -6.46 15.21
C LYS D 953 -30.99 -5.28 14.63
N LYS D 954 -30.30 -4.14 14.52
CA LYS D 954 -30.74 -2.98 13.77
C LYS D 954 -32.19 -2.61 14.08
N PHE D 955 -32.52 -2.42 15.36
CA PHE D 955 -33.89 -2.08 15.74
C PHE D 955 -34.10 -0.58 15.83
N LYS D 956 -33.23 0.12 16.56
CA LYS D 956 -33.42 1.56 16.78
C LYS D 956 -33.14 2.33 15.50
N THR D 957 -33.92 3.39 15.28
CA THR D 957 -33.70 4.29 14.17
C THR D 957 -33.41 5.71 14.67
N ARG D 958 -32.75 6.50 13.83
CA ARG D 958 -32.37 7.85 14.20
C ARG D 958 -31.88 8.56 12.95
N PRO D 959 -31.82 9.90 12.97
CA PRO D 959 -31.24 10.61 11.83
C PRO D 959 -29.80 10.21 11.59
N HIS D 960 -29.40 10.18 10.32
CA HIS D 960 -28.07 9.73 9.96
C HIS D 960 -27.01 10.61 10.60
N SER D 961 -25.97 9.97 11.14
CA SER D 961 -24.89 10.68 11.80
C SER D 961 -24.03 11.49 10.83
N ARG D 962 -23.76 10.97 9.65
CA ARG D 962 -22.95 11.69 8.67
C ARG D 962 -23.69 12.95 8.23
N PRO D 963 -23.08 14.14 8.37
CA PRO D 963 -23.84 15.36 8.09
C PRO D 963 -24.37 15.45 6.66
N TRP D 964 -23.59 15.01 5.66
CA TRP D 964 -24.07 15.10 4.29
C TRP D 964 -25.24 14.15 4.05
N ARG D 965 -25.18 12.95 4.63
CA ARG D 965 -26.33 12.06 4.59
C ARG D 965 -27.49 12.61 5.40
N ARG D 966 -27.20 13.26 6.53
CA ARG D 966 -28.26 13.84 7.35
C ARG D 966 -29.01 14.92 6.59
N ARG D 967 -28.30 15.78 5.87
CA ARG D 967 -28.96 16.81 5.09
C ARG D 967 -29.81 16.21 3.97
N GLU D 968 -29.41 15.05 3.45
CA GLU D 968 -30.23 14.34 2.46
C GLU D 968 -31.51 13.79 3.06
N GLY D 969 -31.64 13.77 4.39
CA GLY D 969 -32.84 13.27 5.04
C GLY D 969 -32.89 11.76 5.22
N LYS D 970 -31.83 11.04 4.86
CA LYS D 970 -31.81 9.61 5.03
C LYS D 970 -31.68 9.24 6.51
N ILE D 971 -32.15 8.03 6.83
CA ILE D 971 -32.23 7.56 8.21
C ILE D 971 -31.17 6.49 8.43
N GLU D 972 -30.62 6.45 9.63
CA GLU D 972 -29.61 5.48 10.02
C GLU D 972 -30.16 4.58 11.11
N LYS D 973 -29.89 3.28 11.00
CA LYS D 973 -30.23 2.32 12.03
C LYS D 973 -28.99 1.97 12.82
N VAL D 974 -29.12 1.92 14.15
CA VAL D 974 -27.97 1.67 15.00
C VAL D 974 -27.31 0.36 14.60
N HIS D 975 -25.99 0.38 14.48
CA HIS D 975 -25.23 -0.79 14.09
C HIS D 975 -24.48 -1.41 15.27
N GLY D 976 -23.96 -0.58 16.16
CA GLY D 976 -23.17 -1.02 17.29
C GLY D 976 -23.96 -1.42 18.51
N LEU D 977 -25.29 -1.42 18.44
CA LEU D 977 -26.16 -1.75 19.58
C LEU D 977 -26.85 -3.08 19.30
N LEU D 978 -26.69 -4.02 20.22
CA LEU D 978 -27.33 -5.33 20.14
C LEU D 978 -27.92 -5.68 21.50
N GLY D 979 -29.09 -6.30 21.49
CA GLY D 979 -29.80 -6.64 22.71
C GLY D 979 -30.24 -8.10 22.69
N CYS D 980 -30.43 -8.66 23.89
CA CYS D 980 -30.89 -10.03 24.06
C CYS D 980 -32.27 -10.02 24.68
N THR D 981 -33.22 -10.70 24.03
CA THR D 981 -34.61 -10.72 24.46
C THR D 981 -34.99 -11.98 25.24
N ASN D 982 -34.03 -12.83 25.55
CA ASN D 982 -34.33 -14.05 26.29
C ASN D 982 -34.83 -13.69 27.68
N PRO D 983 -35.91 -14.32 28.17
CA PRO D 983 -36.43 -13.94 29.50
C PRO D 983 -35.40 -14.06 30.62
N ASN D 984 -34.52 -15.06 30.55
CA ASN D 984 -33.54 -15.23 31.62
C ASN D 984 -32.59 -14.03 31.74
N CYS D 985 -32.32 -13.33 30.64
CA CYS D 985 -31.45 -12.16 30.68
C CYS D 985 -32.19 -10.90 31.12
N LEU D 986 -33.52 -10.95 31.26
CA LEU D 986 -34.30 -9.76 31.56
C LEU D 986 -34.61 -9.67 33.06
N GLN D 987 -34.85 -8.44 33.51
CA GLN D 987 -35.34 -8.17 34.85
C GLN D 987 -36.73 -7.54 34.73
N GLN D 988 -37.63 -7.93 35.63
CA GLN D 988 -39.03 -7.57 35.47
C GLN D 988 -39.28 -6.08 35.50
N ALA D 989 -38.34 -5.29 36.04
CA ALA D 989 -38.56 -3.85 36.17
C ALA D 989 -38.32 -3.09 34.87
N TRP D 990 -37.70 -3.72 33.87
CA TRP D 990 -37.34 -3.01 32.66
C TRP D 990 -38.55 -2.90 31.74
N THR D 991 -38.84 -1.67 31.29
CA THR D 991 -39.90 -1.48 30.31
C THR D 991 -39.41 -1.71 28.88
N SER D 992 -38.10 -1.70 28.66
CA SER D 992 -37.57 -1.89 27.32
C SER D 992 -37.79 -3.31 26.80
N GLY D 993 -37.68 -4.32 27.65
CA GLY D 993 -37.80 -5.70 27.23
C GLY D 993 -36.53 -6.28 26.64
N MET D 994 -35.43 -5.54 26.62
CA MET D 994 -34.17 -6.00 26.07
C MET D 994 -33.05 -5.73 27.07
N ARG D 995 -32.08 -6.64 27.11
CA ARG D 995 -30.83 -6.42 27.81
C ARG D 995 -29.80 -5.95 26.79
N TYR D 996 -29.53 -4.65 26.77
CA TYR D 996 -28.71 -4.06 25.73
C TYR D 996 -27.24 -4.40 25.93
N TRP D 997 -26.53 -4.49 24.81
CA TRP D 997 -25.09 -4.71 24.81
C TRP D 997 -24.46 -3.87 23.72
N ASN D 998 -23.21 -3.49 23.94
CA ASN D 998 -22.42 -2.85 22.89
C ASN D 998 -21.91 -3.92 21.94
N ARG D 999 -21.94 -3.63 20.63
CA ARG D 999 -21.54 -4.63 19.64
C ARG D 999 -20.12 -5.12 19.91
N ASP D 1000 -19.18 -4.19 20.12
CA ASP D 1000 -17.79 -4.58 20.37
C ASP D 1000 -17.63 -5.29 21.70
N MET D 1001 -18.43 -4.92 22.71
CA MET D 1001 -18.31 -5.57 24.01
C MET D 1001 -18.80 -7.01 23.97
N LEU D 1002 -19.82 -7.30 23.15
CA LEU D 1002 -20.27 -8.68 22.98
C LEU D 1002 -19.17 -9.56 22.44
N SER D 1003 -18.45 -9.07 21.42
CA SER D 1003 -17.38 -9.86 20.81
C SER D 1003 -16.28 -10.15 21.82
N THR D 1004 -15.87 -9.13 22.59
CA THR D 1004 -14.81 -9.34 23.57
C THR D 1004 -15.24 -10.32 24.66
N CYS D 1005 -16.46 -10.19 25.16
CA CYS D 1005 -16.94 -11.14 26.16
C CYS D 1005 -17.02 -12.54 25.59
N ASN D 1006 -17.51 -12.68 24.36
CA ASN D 1006 -17.56 -13.99 23.71
C ASN D 1006 -16.15 -14.54 23.51
N MET D 1007 -15.21 -13.67 23.11
CA MET D 1007 -13.83 -14.13 22.93
C MET D 1007 -13.26 -14.65 24.24
N LEU D 1008 -13.52 -13.96 25.35
CA LEU D 1008 -13.02 -14.44 26.63
C LEU D 1008 -13.58 -15.81 26.97
N LEU D 1009 -14.87 -16.03 26.70
CA LEU D 1009 -15.44 -17.35 26.90
C LEU D 1009 -14.75 -18.38 26.01
N ILE D 1010 -14.50 -18.02 24.75
CA ILE D 1010 -13.81 -18.93 23.84
C ILE D 1010 -12.38 -19.18 24.33
N VAL D 1011 -11.67 -18.11 24.73
CA VAL D 1011 -10.30 -18.27 25.19
C VAL D 1011 -10.25 -19.10 26.47
N ARG D 1012 -11.15 -18.81 27.41
CA ARG D 1012 -11.17 -19.59 28.66
C ARG D 1012 -11.47 -21.05 28.38
N SER D 1013 -12.39 -21.34 27.46
CA SER D 1013 -12.70 -22.72 27.13
C SER D 1013 -11.48 -23.42 26.55
N MET D 1014 -10.74 -22.75 25.66
CA MET D 1014 -9.54 -23.34 25.09
C MET D 1014 -8.44 -23.46 26.15
N LEU D 1015 -8.25 -22.41 26.95
CA LEU D 1015 -7.22 -22.47 27.99
C LEU D 1015 -7.54 -23.55 29.01
N ASP D 1016 -8.81 -23.67 29.42
CA ASP D 1016 -9.21 -24.72 30.34
C ASP D 1016 -9.11 -26.11 29.71
N GLY D 1017 -8.95 -26.19 28.39
CA GLY D 1017 -8.82 -27.46 27.71
C GLY D 1017 -10.08 -28.00 27.07
N HIS D 1018 -11.16 -27.22 27.04
CA HIS D 1018 -12.42 -27.65 26.45
C HIS D 1018 -12.54 -27.24 24.99
N GLY D 1019 -11.54 -26.58 24.43
CA GLY D 1019 -11.59 -26.19 23.03
C GLY D 1019 -12.61 -25.09 22.79
N ARG D 1020 -12.89 -24.89 21.50
CA ARG D 1020 -13.85 -23.87 21.10
C ARG D 1020 -15.27 -24.31 21.45
N PRO D 1021 -16.08 -23.44 22.06
CA PRO D 1021 -17.45 -23.84 22.39
C PRO D 1021 -18.25 -24.23 21.15
N GLU D 1022 -19.20 -25.13 21.35
CA GLU D 1022 -20.03 -25.60 20.24
C GLU D 1022 -20.82 -24.44 19.63
N VAL D 1023 -21.35 -23.55 20.47
CA VAL D 1023 -22.19 -22.47 19.97
C VAL D 1023 -21.42 -21.60 18.99
N PHE D 1024 -20.11 -21.47 19.16
CA PHE D 1024 -19.28 -20.66 18.28
C PHE D 1024 -18.65 -21.47 17.16
N SER D 1025 -18.97 -22.76 17.06
CA SER D 1025 -18.39 -23.62 16.05
C SER D 1025 -19.09 -23.46 14.71
N ARG D 1026 -18.31 -23.53 13.63
CA ARG D 1026 -18.89 -23.42 12.29
C ARG D 1026 -19.72 -24.64 11.93
N SER D 1027 -19.29 -25.83 12.33
CA SER D 1027 -20.00 -27.06 12.01
C SER D 1027 -21.40 -27.03 12.62
#